data_7R9D
#
_entry.id   7R9D
#
_cell.length_a   64.510
_cell.length_b   60.287
_cell.length_c   77.244
_cell.angle_alpha   90.000
_cell.angle_beta   109.340
_cell.angle_gamma   90.000
#
_symmetry.space_group_name_H-M   'P 1 21 1'
#
loop_
_entity.id
_entity.type
_entity.pdbx_description
1 polymer 'Fab 8D3 light chain'
2 polymer 'Nanobody N0'
3 polymer 'Fab 8D3 heavy chain'
4 water water
#
loop_
_entity_poly.entity_id
_entity_poly.type
_entity_poly.pdbx_seq_one_letter_code
_entity_poly.pdbx_strand_id
1 'polypeptide(L)'
;NIMLTQSPSSLAVSAGERVTMSCKSTQSILYNSNQKTYLAWYQQKPGQSPKLLIYWASTRASGVPDRFTGSGSGTDFTLT
INSVQPEDLAVYYCHQYLSAWTFGGGTKLEIKRTVAAPSVFIFPPSDEQLKSGTASVVCLLNNFYPREAKVQWKVDNALQ
SGNSQESVTEQDSKDSTYSLSSTLTLSKADYEKHKVYACEVTHQGLSSPVTKSFNRGEC
;
L
2 'polypeptide(L)'
;QVQLVEYGGGSVQAGGYLRLSCVASGSISLSSGMGWYRQAPGKERELVASISGGSSTNYADSVKGRFTISRDNAKNTVYL
QMNSLKPEDTAVYYCAASEQLTSGHAYWGQGTQVTVSSLEHHH
;
N
3 'polypeptide(L)'
;DVQLVESGGGLVQPGGSRKLSCAASGFTFSNFGMHWVRQAPEMGLEWVAYISSGSTTIYYGDTVKGRFTISRDNPKNTLF
LQMTSLRSEDTAMYYCARRPLYDGDYGYPMDYWGQGTSVTVSSASTKGPSVFPLAPSSKSTSGGTAALGCLVKDYFPEPV
TVSWNSGALTSGVHTFPAVLQSSGLYSLSSVVTVPSSSLGTQTYICNVNHKPSNTKVDKKVEPKSCGS
;
H
#
# COMPACT_ATOMS: atom_id res chain seq x y z
N ASN A 1 -5.85 -14.93 12.74
CA ASN A 1 -6.62 -13.76 12.23
C ASN A 1 -7.51 -14.18 11.05
N ILE A 2 -8.44 -13.31 10.67
CA ILE A 2 -9.27 -13.56 9.48
C ILE A 2 -8.53 -13.01 8.28
N MET A 3 -8.04 -13.89 7.42
CA MET A 3 -7.21 -13.50 6.29
C MET A 3 -8.04 -13.40 5.02
N LEU A 4 -7.56 -12.58 4.08
CA LEU A 4 -8.21 -12.34 2.81
C LEU A 4 -7.24 -12.58 1.67
N THR A 5 -7.72 -13.25 0.62
CA THR A 5 -6.94 -13.52 -0.58
C THR A 5 -7.71 -13.01 -1.79
N GLN A 6 -7.04 -12.27 -2.65
CA GLN A 6 -7.71 -11.68 -3.81
C GLN A 6 -7.22 -12.31 -5.09
N SER A 7 -8.13 -12.42 -6.06
CA SER A 7 -7.79 -12.97 -7.36
C SER A 7 -8.59 -12.31 -8.47
N PRO A 8 -7.99 -12.10 -9.66
CA PRO A 8 -6.57 -12.30 -10.00
C PRO A 8 -5.72 -11.17 -9.44
N SER A 9 -4.40 -11.31 -9.52
CA SER A 9 -3.51 -10.25 -9.05
C SER A 9 -3.62 -9.01 -9.93
N SER A 10 -3.88 -9.19 -11.21
CA SER A 10 -4.18 -8.06 -12.08
C SER A 10 -5.01 -8.58 -13.24
N LEU A 11 -5.62 -7.64 -13.96
CA LEU A 11 -6.38 -7.96 -15.15
C LEU A 11 -6.56 -6.69 -15.95
N ALA A 12 -6.89 -6.87 -17.23
CA ALA A 12 -7.00 -5.76 -18.17
C ALA A 12 -8.28 -5.89 -18.96
N VAL A 13 -9.01 -4.78 -19.07
CA VAL A 13 -10.22 -4.70 -19.89
C VAL A 13 -10.25 -3.35 -20.58
N SER A 14 -11.07 -3.27 -21.62
CA SER A 14 -11.26 -2.03 -22.36
C SER A 14 -12.33 -1.18 -21.69
N ALA A 15 -12.36 0.10 -22.06
CA ALA A 15 -13.42 0.97 -21.58
C ALA A 15 -14.78 0.41 -21.99
N GLY A 16 -15.73 0.49 -21.07
CA GLY A 16 -17.08 0.03 -21.33
C GLY A 16 -17.34 -1.42 -21.00
N GLU A 17 -16.32 -2.24 -20.84
CA GLU A 17 -16.56 -3.64 -20.54
C GLU A 17 -16.91 -3.81 -19.06
N ARG A 18 -17.41 -5.00 -18.73
CA ARG A 18 -17.73 -5.39 -17.36
C ARG A 18 -16.60 -6.23 -16.81
N VAL A 19 -16.24 -6.00 -15.54
CA VAL A 19 -15.17 -6.76 -14.92
C VAL A 19 -15.56 -7.13 -13.49
N THR A 20 -15.12 -8.33 -13.08
CA THR A 20 -15.38 -8.85 -11.74
C THR A 20 -14.07 -9.37 -11.16
N MET A 21 -13.83 -9.05 -9.89
CA MET A 21 -12.69 -9.58 -9.14
C MET A 21 -13.19 -10.18 -7.84
N SER A 22 -12.40 -11.08 -7.26
CA SER A 22 -12.85 -11.92 -6.16
C SER A 22 -11.97 -11.76 -4.93
N CYS A 23 -12.60 -11.94 -3.77
CA CYS A 23 -11.96 -11.87 -2.46
C CYS A 23 -12.47 -13.05 -1.63
N LYS A 24 -11.56 -13.86 -1.12
CA LYS A 24 -11.92 -15.02 -0.30
C LYS A 24 -11.40 -14.85 1.12
N SER A 25 -12.25 -15.13 2.11
CA SER A 25 -11.85 -15.04 3.49
C SER A 25 -11.66 -16.45 4.07
N THR A 26 -10.89 -16.53 5.15
CA THR A 26 -10.63 -17.80 5.81
C THR A 26 -11.79 -18.26 6.68
N GLN A 27 -12.74 -17.38 6.98
CA GLN A 27 -13.94 -17.75 7.69
C GLN A 27 -15.02 -16.72 7.38
N SER A 28 -16.23 -17.02 7.84
CA SER A 28 -17.34 -16.09 7.71
C SER A 28 -17.04 -14.79 8.46
N ILE A 29 -17.49 -13.67 7.90
CA ILE A 29 -17.35 -12.37 8.54
C ILE A 29 -18.74 -11.79 8.76
N LEU A 30 -19.71 -12.67 8.96
CA LEU A 30 -21.07 -12.27 9.30
C LEU A 30 -21.16 -11.96 10.79
N TYR A 31 -21.76 -10.81 11.11
CA TYR A 31 -22.00 -10.41 12.49
C TYR A 31 -23.39 -10.94 12.90
N ASN A 32 -23.42 -11.80 13.91
CA ASN A 32 -24.69 -12.42 14.30
C ASN A 32 -25.73 -11.38 14.69
N SER A 33 -25.30 -10.28 15.32
CA SER A 33 -26.23 -9.31 15.88
C SER A 33 -27.17 -8.75 14.82
N ASN A 34 -26.63 -8.31 13.69
CA ASN A 34 -27.43 -7.64 12.66
C ASN A 34 -27.42 -8.39 11.34
N GLN A 35 -26.84 -9.58 11.30
CA GLN A 35 -26.75 -10.37 10.07
C GLN A 35 -26.10 -9.60 8.92
N LYS A 36 -25.22 -8.65 9.24
CA LYS A 36 -24.46 -7.94 8.23
C LYS A 36 -23.07 -8.55 8.07
N THR A 37 -22.51 -8.44 6.86
CA THR A 37 -21.22 -9.01 6.54
C THR A 37 -20.18 -7.89 6.50
N TYR A 38 -19.16 -8.01 7.34
CA TYR A 38 -18.23 -6.91 7.54
C TYR A 38 -17.04 -7.03 6.59
N LEU A 39 -17.35 -6.86 5.31
CA LEU A 39 -16.39 -6.81 4.22
C LEU A 39 -16.58 -5.49 3.47
N ALA A 40 -15.45 -4.84 3.17
CA ALA A 40 -15.44 -3.55 2.48
C ALA A 40 -14.48 -3.62 1.31
N TRP A 41 -14.67 -2.71 0.35
CA TRP A 41 -13.82 -2.59 -0.83
C TRP A 41 -13.33 -1.16 -0.94
N TYR A 42 -12.02 -0.99 -1.12
CA TYR A 42 -11.35 0.28 -1.33
C TYR A 42 -10.71 0.32 -2.72
N GLN A 43 -10.67 1.53 -3.27
CA GLN A 43 -10.02 1.81 -4.54
C GLN A 43 -8.83 2.72 -4.27
N GLN A 44 -7.66 2.35 -4.78
CA GLN A 44 -6.46 3.16 -4.63
C GLN A 44 -5.91 3.48 -6.03
N LYS A 45 -6.13 4.72 -6.45
CA LYS A 45 -5.63 5.17 -7.72
C LYS A 45 -4.15 5.54 -7.58
N PRO A 46 -3.42 5.54 -8.69
CA PRO A 46 -1.98 5.81 -8.62
C PRO A 46 -1.69 7.10 -7.85
N GLY A 47 -0.81 6.99 -6.86
CA GLY A 47 -0.39 8.14 -6.10
C GLY A 47 -1.40 8.68 -5.11
N GLN A 48 -2.47 7.95 -4.83
CA GLN A 48 -3.49 8.41 -3.91
C GLN A 48 -3.62 7.45 -2.74
N SER A 49 -4.37 7.89 -1.74
CA SER A 49 -4.76 7.07 -0.61
C SER A 49 -5.96 6.19 -0.96
N PRO A 50 -6.15 5.09 -0.25
CA PRO A 50 -7.34 4.26 -0.51
C PRO A 50 -8.62 5.03 -0.25
N LYS A 51 -9.61 4.81 -1.10
CA LYS A 51 -10.91 5.47 -0.99
C LYS A 51 -12.00 4.41 -0.92
N LEU A 52 -12.94 4.60 0.00
CA LEU A 52 -13.94 3.59 0.25
C LEU A 52 -14.92 3.51 -0.92
N LEU A 53 -15.16 2.30 -1.40
CA LEU A 53 -16.18 2.07 -2.42
C LEU A 53 -17.42 1.41 -1.85
N ILE A 54 -17.24 0.34 -1.08
CA ILE A 54 -18.37 -0.50 -0.65
C ILE A 54 -18.12 -0.93 0.79
N TYR A 55 -19.19 -1.02 1.57
CA TYR A 55 -19.16 -1.54 2.94
C TYR A 55 -20.34 -2.49 3.13
N TRP A 56 -20.30 -3.25 4.23
CA TRP A 56 -21.28 -4.31 4.46
C TRP A 56 -21.44 -5.19 3.22
N ALA A 57 -20.31 -5.43 2.55
CA ALA A 57 -20.19 -6.33 1.41
C ALA A 57 -20.86 -5.85 0.13
N SER A 58 -21.96 -5.10 0.24
CA SER A 58 -22.71 -4.78 -0.95
C SER A 58 -23.38 -3.41 -0.95
N THR A 59 -23.09 -2.54 0.01
CA THR A 59 -23.68 -1.21 0.05
C THR A 59 -22.66 -0.19 -0.43
N ARG A 60 -23.05 0.60 -1.43
CA ARG A 60 -22.20 1.65 -1.95
C ARG A 60 -22.07 2.80 -0.97
N ALA A 61 -20.84 3.27 -0.77
CA ALA A 61 -20.60 4.48 -0.01
C ALA A 61 -21.13 5.70 -0.76
N SER A 62 -21.40 6.75 0.00
CA SER A 62 -22.02 7.95 -0.58
C SER A 62 -21.18 8.48 -1.73
N GLY A 63 -21.83 8.81 -2.83
CA GLY A 63 -21.17 9.39 -3.97
C GLY A 63 -20.51 8.43 -4.93
N VAL A 64 -20.49 7.13 -4.64
CA VAL A 64 -19.79 6.17 -5.49
C VAL A 64 -20.67 5.88 -6.73
N PRO A 65 -20.08 5.89 -7.93
CA PRO A 65 -20.90 5.64 -9.13
C PRO A 65 -21.68 4.34 -9.06
N ASP A 66 -22.82 4.33 -9.76
CA ASP A 66 -23.70 3.17 -9.78
C ASP A 66 -23.03 1.93 -10.36
N ARG A 67 -21.96 2.10 -11.14
CA ARG A 67 -21.38 0.98 -11.85
C ARG A 67 -20.59 0.04 -10.94
N PHE A 68 -20.35 0.43 -9.69
CA PHE A 68 -19.65 -0.42 -8.73
C PHE A 68 -20.68 -1.20 -7.92
N THR A 69 -20.58 -2.53 -7.92
CA THR A 69 -21.45 -3.38 -7.13
C THR A 69 -20.61 -4.38 -6.36
N GLY A 70 -21.09 -4.74 -5.17
CA GLY A 70 -20.44 -5.76 -4.38
C GLY A 70 -21.37 -6.92 -4.09
N SER A 71 -20.81 -8.09 -3.83
CA SER A 71 -21.63 -9.27 -3.60
C SER A 71 -20.86 -10.25 -2.72
N GLY A 72 -21.60 -11.09 -2.01
CA GLY A 72 -20.95 -12.24 -1.40
C GLY A 72 -21.64 -12.75 -0.16
N SER A 73 -21.06 -13.83 0.36
CA SER A 73 -21.54 -14.49 1.58
C SER A 73 -20.58 -15.64 1.89
N GLY A 74 -20.73 -16.19 3.09
CA GLY A 74 -19.80 -17.18 3.56
C GLY A 74 -18.39 -16.64 3.46
N THR A 75 -17.55 -17.29 2.63
CA THR A 75 -16.17 -16.87 2.48
C THR A 75 -15.88 -16.28 1.10
N ASP A 76 -16.89 -16.13 0.23
CA ASP A 76 -16.65 -15.69 -1.15
C ASP A 76 -17.33 -14.34 -1.40
N PHE A 77 -16.53 -13.36 -1.85
CA PHE A 77 -17.01 -12.03 -2.16
C PHE A 77 -16.48 -11.60 -3.52
N THR A 78 -17.22 -10.69 -4.16
CA THR A 78 -16.77 -10.13 -5.42
C THR A 78 -17.08 -8.64 -5.47
N LEU A 79 -16.26 -7.94 -6.26
CA LEU A 79 -16.49 -6.57 -6.68
C LEU A 79 -16.61 -6.55 -8.19
N THR A 80 -17.67 -5.94 -8.70
CA THR A 80 -17.91 -5.84 -10.14
C THR A 80 -18.01 -4.37 -10.55
N ILE A 81 -17.35 -4.04 -11.66
CA ILE A 81 -17.44 -2.74 -12.29
C ILE A 81 -18.18 -2.93 -13.62
N ASN A 82 -19.35 -2.29 -13.74
CA ASN A 82 -20.26 -2.60 -14.83
C ASN A 82 -19.76 -2.06 -16.17
N SER A 83 -19.32 -0.80 -16.19
CA SER A 83 -18.97 -0.13 -17.45
C SER A 83 -17.65 0.59 -17.18
N VAL A 84 -16.55 -0.14 -17.28
CA VAL A 84 -15.25 0.37 -16.88
C VAL A 84 -14.93 1.63 -17.64
N GLN A 85 -14.47 2.64 -16.93
CA GLN A 85 -13.98 3.89 -17.51
C GLN A 85 -12.49 3.99 -17.30
N PRO A 86 -11.79 4.75 -18.14
CA PRO A 86 -10.33 4.85 -17.96
C PRO A 86 -9.93 5.31 -16.57
N GLU A 87 -10.75 6.14 -15.91
CA GLU A 87 -10.43 6.62 -14.57
C GLU A 87 -10.47 5.54 -13.50
N ASP A 88 -11.01 4.36 -13.80
CA ASP A 88 -11.09 3.26 -12.84
C ASP A 88 -9.77 2.51 -12.71
N LEU A 89 -8.74 2.91 -13.44
CA LEU A 89 -7.41 2.38 -13.25
C LEU A 89 -6.99 2.55 -11.80
N ALA A 90 -6.66 1.44 -11.15
CA ALA A 90 -6.38 1.48 -9.72
C ALA A 90 -6.07 0.07 -9.24
N VAL A 91 -5.63 -0.02 -7.99
CA VAL A 91 -5.63 -1.29 -7.26
C VAL A 91 -6.84 -1.32 -6.34
N TYR A 92 -7.54 -2.45 -6.31
CA TYR A 92 -8.75 -2.63 -5.52
C TYR A 92 -8.45 -3.62 -4.40
N TYR A 93 -8.73 -3.20 -3.17
CA TYR A 93 -8.45 -3.98 -1.97
C TYR A 93 -9.75 -4.33 -1.25
N CYS A 94 -9.91 -5.60 -0.89
CA CYS A 94 -10.96 -5.96 0.05
C CYS A 94 -10.41 -5.88 1.49
N HIS A 95 -11.33 -5.79 2.45
CA HIS A 95 -11.00 -5.42 3.83
C HIS A 95 -12.04 -6.03 4.76
N GLN A 96 -11.61 -6.76 5.77
CA GLN A 96 -12.55 -7.23 6.79
C GLN A 96 -12.33 -6.46 8.07
N TYR A 97 -13.43 -6.13 8.74
CA TYR A 97 -13.40 -5.32 9.93
C TYR A 97 -14.40 -5.86 10.94
N LEU A 98 -14.50 -7.19 11.02
CA LEU A 98 -15.26 -7.87 12.05
C LEU A 98 -14.40 -8.14 13.28
N SER A 99 -13.25 -8.77 13.09
CA SER A 99 -12.32 -9.11 14.18
C SER A 99 -10.98 -8.50 13.82
N ALA A 100 -10.60 -7.44 14.50
CA ALA A 100 -9.41 -6.67 14.14
C ALA A 100 -9.62 -6.19 12.69
N TRP A 101 -8.53 -5.94 11.99
CA TRP A 101 -8.56 -5.31 10.67
C TRP A 101 -7.52 -5.95 9.77
N THR A 102 -7.96 -6.46 8.63
CA THR A 102 -7.08 -7.10 7.68
C THR A 102 -7.50 -6.71 6.27
N PHE A 103 -6.57 -6.89 5.33
CA PHE A 103 -6.78 -6.52 3.95
C PHE A 103 -6.31 -7.65 3.04
N GLY A 104 -7.00 -7.80 1.91
CA GLY A 104 -6.47 -8.61 0.83
C GLY A 104 -5.26 -7.96 0.19
N GLY A 105 -4.60 -8.73 -0.70
CA GLY A 105 -3.39 -8.28 -1.36
C GLY A 105 -3.59 -7.38 -2.55
N GLY A 106 -4.83 -7.15 -2.96
CA GLY A 106 -5.11 -6.22 -4.05
C GLY A 106 -5.23 -6.90 -5.40
N THR A 107 -6.10 -6.34 -6.23
CA THR A 107 -6.21 -6.67 -7.65
C THR A 107 -5.99 -5.39 -8.44
N LYS A 108 -5.01 -5.39 -9.34
CA LYS A 108 -4.70 -4.22 -10.17
C LYS A 108 -5.50 -4.29 -11.46
N LEU A 109 -6.30 -3.27 -11.73
CA LEU A 109 -7.09 -3.21 -12.96
C LEU A 109 -6.39 -2.31 -13.97
N GLU A 110 -5.97 -2.88 -15.08
CA GLU A 110 -5.34 -2.13 -16.17
C GLU A 110 -6.33 -1.92 -17.31
N ILE A 111 -6.05 -0.93 -18.15
CA ILE A 111 -6.97 -0.53 -19.21
C ILE A 111 -6.35 -0.85 -20.56
N LYS A 112 -7.12 -1.56 -21.40
CA LYS A 112 -6.76 -1.81 -22.78
C LYS A 112 -7.36 -0.72 -23.66
N ARG A 113 -6.64 -0.37 -24.71
CA ARG A 113 -7.05 0.73 -25.57
C ARG A 113 -6.38 0.54 -26.93
N THR A 114 -6.65 1.48 -27.83
CA THR A 114 -6.11 1.41 -29.17
C THR A 114 -4.63 1.81 -29.19
N VAL A 115 -3.94 1.37 -30.23
CA VAL A 115 -2.52 1.69 -30.38
C VAL A 115 -2.34 3.19 -30.56
N ALA A 116 -1.30 3.74 -29.92
CA ALA A 116 -0.98 5.16 -30.03
C ALA A 116 0.54 5.32 -30.09
N ALA A 117 1.01 5.93 -31.16
CA ALA A 117 2.44 6.09 -31.35
C ALA A 117 3.01 7.12 -30.37
N PRO A 118 4.24 6.93 -29.91
CA PRO A 118 4.85 7.92 -29.03
C PRO A 118 5.30 9.16 -29.78
N SER A 119 5.26 10.28 -29.08
CA SER A 119 6.00 11.47 -29.48
C SER A 119 7.37 11.38 -28.82
N VAL A 120 8.44 11.65 -29.59
CA VAL A 120 9.80 11.40 -29.11
C VAL A 120 10.54 12.73 -29.00
N PHE A 121 11.20 12.94 -27.86
CA PHE A 121 11.97 14.14 -27.57
C PHE A 121 13.31 13.75 -26.98
N ILE A 122 14.34 14.57 -27.22
CA ILE A 122 15.67 14.30 -26.67
C ILE A 122 16.22 15.56 -26.01
N PHE A 123 16.90 15.36 -24.87
CA PHE A 123 17.45 16.44 -24.06
C PHE A 123 18.95 16.21 -23.87
N PRO A 124 19.81 17.13 -24.34
CA PRO A 124 21.24 17.05 -24.00
C PRO A 124 21.44 17.29 -22.52
N PRO A 125 22.62 16.98 -21.99
CA PRO A 125 22.91 17.37 -20.60
C PRO A 125 22.90 18.89 -20.45
N SER A 126 22.46 19.34 -19.28
CA SER A 126 22.53 20.76 -18.96
C SER A 126 23.96 21.20 -18.62
N ASP A 127 24.25 22.47 -18.91
CA ASP A 127 25.54 23.04 -18.56
C ASP A 127 25.76 22.99 -17.05
N GLU A 128 24.68 23.16 -16.28
CA GLU A 128 24.78 23.06 -14.82
C GLU A 128 25.24 21.67 -14.40
N GLN A 129 24.71 20.62 -15.05
CA GLN A 129 25.17 19.28 -14.69
C GLN A 129 26.61 19.05 -15.12
N LEU A 130 26.96 19.48 -16.34
CA LEU A 130 28.31 19.29 -16.84
C LEU A 130 29.34 19.88 -15.90
N LYS A 131 28.97 20.92 -15.14
CA LYS A 131 29.91 21.42 -14.15
C LYS A 131 30.34 20.35 -13.14
N SER A 132 29.49 19.34 -12.91
CA SER A 132 29.73 18.32 -11.90
C SER A 132 30.53 17.13 -12.42
N GLY A 133 30.83 17.10 -13.72
CA GLY A 133 31.65 16.05 -14.28
C GLY A 133 30.91 14.86 -14.83
N THR A 134 29.59 14.87 -14.83
CA THR A 134 28.77 13.79 -15.37
C THR A 134 27.79 14.39 -16.39
N ALA A 135 27.43 13.59 -17.40
CA ALA A 135 26.46 13.98 -18.41
C ALA A 135 25.35 12.95 -18.49
N SER A 136 24.11 13.38 -18.26
CA SER A 136 22.93 12.55 -18.51
C SER A 136 22.19 13.08 -19.73
N VAL A 137 21.90 12.18 -20.67
CA VAL A 137 21.17 12.47 -21.90
C VAL A 137 19.81 11.78 -21.77
N VAL A 138 18.72 12.53 -21.94
CA VAL A 138 17.40 11.98 -21.68
C VAL A 138 16.60 11.86 -22.97
N CYS A 139 16.11 10.68 -23.26
CA CYS A 139 15.16 10.45 -24.35
C CYS A 139 13.78 10.18 -23.76
N LEU A 140 12.78 10.90 -24.27
CA LEU A 140 11.41 10.83 -23.78
C LEU A 140 10.47 10.32 -24.86
N LEU A 141 9.70 9.30 -24.53
CA LEU A 141 8.64 8.74 -25.36
C LEU A 141 7.32 9.09 -24.67
N ASN A 142 6.48 9.86 -25.33
CA ASN A 142 5.35 10.45 -24.64
C ASN A 142 4.02 9.95 -25.19
N ASN A 143 3.17 9.51 -24.26
CA ASN A 143 1.75 9.18 -24.44
C ASN A 143 1.55 8.16 -25.56
N PHE A 144 2.00 6.93 -25.28
CA PHE A 144 1.91 5.86 -26.26
C PHE A 144 1.21 4.65 -25.66
N TYR A 145 0.76 3.76 -26.56
CA TYR A 145 0.16 2.50 -26.17
C TYR A 145 0.32 1.51 -27.31
N PRO A 146 0.69 0.24 -27.05
CA PRO A 146 0.95 -0.40 -25.75
C PRO A 146 2.28 -0.04 -25.12
N ARG A 147 2.55 -0.68 -23.98
CA ARG A 147 3.71 -0.35 -23.17
C ARG A 147 5.01 -0.74 -23.85
N GLU A 148 5.00 -1.77 -24.69
CA GLU A 148 6.24 -2.30 -25.24
C GLU A 148 6.86 -1.29 -26.20
N ALA A 149 8.13 -0.97 -26.00
CA ALA A 149 8.85 -0.09 -26.91
C ALA A 149 10.33 -0.42 -26.80
N LYS A 150 11.02 -0.38 -27.93
CA LYS A 150 12.47 -0.61 -27.93
C LYS A 150 13.16 0.72 -28.17
N VAL A 151 14.01 1.11 -27.23
CA VAL A 151 14.75 2.38 -27.26
C VAL A 151 16.23 2.03 -27.29
N GLN A 152 16.91 2.43 -28.37
CA GLN A 152 18.33 2.15 -28.57
C GLN A 152 19.11 3.45 -28.63
N TRP A 153 20.22 3.52 -27.89
CA TRP A 153 21.11 4.67 -27.92
C TRP A 153 22.22 4.42 -28.91
N LYS A 154 22.55 5.45 -29.70
CA LYS A 154 23.62 5.41 -30.67
C LYS A 154 24.48 6.66 -30.48
N VAL A 155 25.78 6.46 -30.33
CA VAL A 155 26.74 7.56 -30.17
C VAL A 155 27.71 7.47 -31.33
N ASP A 156 27.73 8.49 -32.17
CA ASP A 156 28.50 8.45 -33.42
C ASP A 156 28.20 7.15 -34.16
N ASN A 157 26.91 6.84 -34.25
CA ASN A 157 26.36 5.70 -34.97
C ASN A 157 26.68 4.35 -34.36
N ALA A 158 27.35 4.31 -33.21
CA ALA A 158 27.69 3.05 -32.56
C ALA A 158 26.65 2.70 -31.51
N LEU A 159 26.11 1.48 -31.60
CA LEU A 159 25.11 1.02 -30.65
C LEU A 159 25.67 0.94 -29.24
N GLN A 160 24.99 1.60 -28.30
CA GLN A 160 25.41 1.57 -26.91
C GLN A 160 24.82 0.37 -26.18
N SER A 161 25.54 -0.11 -25.19
CA SER A 161 25.01 -1.07 -24.23
C SER A 161 25.64 -0.77 -22.88
N GLY A 162 24.85 -0.92 -21.83
CA GLY A 162 25.37 -0.90 -20.49
C GLY A 162 25.46 0.46 -19.83
N ASN A 163 24.93 1.52 -20.44
CA ASN A 163 25.04 2.85 -19.87
C ASN A 163 23.71 3.59 -19.84
N SER A 164 22.58 2.89 -19.85
CA SER A 164 21.30 3.57 -19.87
C SER A 164 20.34 2.85 -18.95
N GLN A 165 19.36 3.62 -18.47
CA GLN A 165 18.32 3.15 -17.57
C GLN A 165 16.98 3.71 -18.01
N GLU A 166 15.97 2.86 -18.09
CA GLU A 166 14.63 3.25 -18.50
C GLU A 166 13.69 3.31 -17.29
N SER A 167 12.66 4.16 -17.40
CA SER A 167 11.56 4.14 -16.46
C SER A 167 10.27 4.46 -17.19
N VAL A 168 9.19 3.76 -16.84
CA VAL A 168 7.89 3.95 -17.47
C VAL A 168 6.90 4.43 -16.42
N THR A 169 5.98 5.29 -16.84
CA THR A 169 4.94 5.78 -15.95
C THR A 169 3.86 4.73 -15.75
N GLU A 170 3.05 4.92 -14.71
CA GLU A 170 1.77 4.25 -14.65
C GLU A 170 0.93 4.68 -15.85
N GLN A 171 -0.07 3.87 -16.18
CA GLN A 171 -1.02 4.27 -17.21
C GLN A 171 -1.68 5.59 -16.82
N ASP A 172 -2.05 6.37 -17.83
CA ASP A 172 -2.70 7.66 -17.59
C ASP A 172 -4.17 7.44 -17.25
N SER A 173 -4.67 8.18 -16.25
CA SER A 173 -6.04 7.95 -15.80
C SER A 173 -7.08 8.46 -16.78
N LYS A 174 -6.72 9.34 -17.71
CA LYS A 174 -7.70 9.86 -18.67
C LYS A 174 -7.61 9.22 -20.05
N ASP A 175 -6.41 8.95 -20.55
CA ASP A 175 -6.24 8.40 -21.90
C ASP A 175 -5.52 7.05 -21.92
N SER A 176 -5.17 6.49 -20.76
CA SER A 176 -4.70 5.13 -20.65
C SER A 176 -3.34 4.89 -21.30
N THR A 177 -2.61 5.97 -21.61
CA THR A 177 -1.32 5.81 -22.27
C THR A 177 -0.18 5.72 -21.26
N TYR A 178 1.00 5.37 -21.78
CA TYR A 178 2.24 5.36 -21.03
C TYR A 178 3.17 6.46 -21.54
N SER A 179 4.12 6.84 -20.70
CA SER A 179 5.30 7.58 -21.13
C SER A 179 6.52 6.87 -20.56
N LEU A 180 7.66 7.11 -21.19
CA LEU A 180 8.86 6.35 -20.90
C LEU A 180 10.08 7.24 -21.10
N SER A 181 11.01 7.16 -20.15
CA SER A 181 12.30 7.83 -20.27
C SER A 181 13.40 6.78 -20.38
N SER A 182 14.39 7.08 -21.21
CA SER A 182 15.65 6.35 -21.26
C SER A 182 16.75 7.37 -20.99
N THR A 183 17.59 7.09 -20.01
CA THR A 183 18.61 8.03 -19.58
C THR A 183 19.99 7.40 -19.76
N LEU A 184 20.78 8.01 -20.64
CA LEU A 184 22.15 7.59 -20.93
C LEU A 184 23.07 8.42 -20.06
N THR A 185 23.93 7.76 -19.28
CA THR A 185 24.77 8.48 -18.33
C THR A 185 26.23 8.19 -18.63
N LEU A 186 27.00 9.26 -18.84
CA LEU A 186 28.40 9.18 -19.20
C LEU A 186 29.20 10.14 -18.33
N SER A 187 30.49 9.85 -18.16
CA SER A 187 31.38 10.87 -17.64
C SER A 187 31.42 12.05 -18.61
N LYS A 188 31.69 13.23 -18.07
CA LYS A 188 31.93 14.40 -18.93
C LYS A 188 33.02 14.12 -19.96
N ALA A 189 34.12 13.52 -19.53
CA ALA A 189 35.22 13.25 -20.47
C ALA A 189 34.73 12.37 -21.63
N ASP A 190 34.00 11.31 -21.32
CA ASP A 190 33.49 10.43 -22.36
C ASP A 190 32.48 11.14 -23.25
N TYR A 191 31.58 11.92 -22.66
CA TYR A 191 30.63 12.70 -23.44
C TYR A 191 31.37 13.59 -24.44
N GLU A 192 32.47 14.21 -24.00
CA GLU A 192 33.24 15.07 -24.88
C GLU A 192 34.01 14.28 -25.92
N LYS A 193 34.12 12.96 -25.77
CA LYS A 193 34.81 12.16 -26.78
C LYS A 193 34.00 11.95 -28.06
N HIS A 194 32.74 12.36 -28.12
CA HIS A 194 31.88 12.06 -29.27
C HIS A 194 31.00 13.24 -29.65
N LYS A 195 30.37 13.14 -30.82
CA LYS A 195 29.58 14.24 -31.39
C LYS A 195 28.09 13.94 -31.45
N VAL A 196 27.67 12.88 -32.12
CA VAL A 196 26.27 12.63 -32.41
C VAL A 196 25.67 11.73 -31.33
N TYR A 197 24.62 12.21 -30.68
CA TYR A 197 23.89 11.44 -29.68
C TYR A 197 22.47 11.24 -30.17
N ALA A 198 22.06 9.98 -30.33
CA ALA A 198 20.80 9.65 -30.97
C ALA A 198 20.04 8.59 -30.18
N CYS A 199 18.72 8.77 -30.13
CA CYS A 199 17.77 7.84 -29.53
C CYS A 199 16.89 7.30 -30.65
N GLU A 200 16.89 5.98 -30.83
CA GLU A 200 16.11 5.32 -31.88
C GLU A 200 14.99 4.51 -31.22
N VAL A 201 13.75 4.81 -31.59
CA VAL A 201 12.56 4.26 -30.96
C VAL A 201 11.82 3.40 -31.97
N THR A 202 11.54 2.16 -31.59
CA THR A 202 10.66 1.26 -32.33
C THR A 202 9.43 0.99 -31.48
N HIS A 203 8.25 1.08 -32.11
CA HIS A 203 6.97 0.90 -31.44
C HIS A 203 5.91 0.54 -32.48
N GLN A 204 4.92 -0.23 -32.04
CA GLN A 204 3.91 -0.74 -32.96
C GLN A 204 3.15 0.39 -33.67
N GLY A 205 3.08 1.56 -33.06
CA GLY A 205 2.38 2.68 -33.67
C GLY A 205 3.17 3.46 -34.69
N LEU A 206 4.44 3.11 -34.89
CA LEU A 206 5.28 3.76 -35.88
C LEU A 206 5.54 2.81 -37.05
N SER A 207 5.33 3.31 -38.27
CA SER A 207 5.53 2.48 -39.46
C SER A 207 7.00 2.10 -39.61
N SER A 208 7.90 3.01 -39.26
CA SER A 208 9.34 2.79 -39.28
C SER A 208 9.94 3.43 -38.03
N PRO A 209 11.07 2.91 -37.56
CA PRO A 209 11.67 3.47 -36.35
C PRO A 209 11.94 4.96 -36.48
N VAL A 210 11.79 5.68 -35.36
CA VAL A 210 11.96 7.12 -35.31
C VAL A 210 13.25 7.42 -34.54
N THR A 211 14.04 8.34 -35.06
CA THR A 211 15.30 8.72 -34.41
C THR A 211 15.29 10.21 -34.09
N LYS A 212 15.62 10.55 -32.84
CA LYS A 212 15.84 11.93 -32.44
C LYS A 212 17.30 12.06 -32.02
N SER A 213 17.96 13.12 -32.48
CA SER A 213 19.40 13.18 -32.28
C SER A 213 19.85 14.63 -32.21
N PHE A 214 21.04 14.80 -31.62
CA PHE A 214 21.66 16.12 -31.54
C PHE A 214 23.17 15.97 -31.65
N ASN A 215 23.81 17.09 -32.00
CA ASN A 215 25.25 17.18 -32.13
C ASN A 215 25.76 17.99 -30.95
N ARG A 216 26.65 17.38 -30.16
CA ARG A 216 27.12 18.04 -28.95
C ARG A 216 27.64 19.44 -29.29
N GLY A 217 27.08 20.46 -28.64
CA GLY A 217 27.58 21.81 -28.74
C GLY A 217 26.85 22.77 -29.65
N GLU A 218 25.60 22.48 -30.02
CA GLU A 218 24.84 23.37 -30.89
C GLU A 218 23.66 24.00 -30.16
N GLN B 3 -12.47 -41.40 19.77
CA GLN B 3 -12.04 -40.05 19.40
C GLN B 3 -12.69 -39.01 20.30
N LEU B 4 -12.53 -37.74 19.94
CA LEU B 4 -12.97 -36.63 20.78
C LEU B 4 -13.88 -35.70 19.99
N VAL B 5 -14.80 -35.04 20.70
CA VAL B 5 -15.78 -34.13 20.10
C VAL B 5 -15.78 -32.83 20.89
N GLU B 6 -15.54 -31.72 20.20
CA GLU B 6 -15.54 -30.40 20.81
C GLU B 6 -16.87 -29.69 20.60
N TYR B 7 -17.41 -29.12 21.68
CA TYR B 7 -18.62 -28.33 21.68
C TYR B 7 -18.32 -26.94 22.25
N GLY B 8 -19.21 -25.99 21.97
CA GLY B 8 -19.21 -24.72 22.67
C GLY B 8 -18.62 -23.54 21.93
N GLY B 9 -18.25 -23.69 20.67
CA GLY B 9 -17.63 -22.59 19.95
C GLY B 9 -18.66 -21.61 19.43
N GLY B 10 -18.22 -20.39 19.17
CA GLY B 10 -19.15 -19.37 18.75
C GLY B 10 -18.45 -18.05 18.52
N SER B 11 -19.25 -17.00 18.39
CA SER B 11 -18.75 -15.66 18.11
C SER B 11 -19.24 -14.71 19.18
N VAL B 12 -18.30 -14.00 19.80
CA VAL B 12 -18.60 -13.08 20.89
C VAL B 12 -17.83 -11.78 20.70
N GLN B 13 -18.39 -10.69 21.23
CA GLN B 13 -17.73 -9.40 21.20
C GLN B 13 -16.63 -9.36 22.25
N ALA B 14 -15.55 -8.65 21.93
CA ALA B 14 -14.39 -8.57 22.82
C ALA B 14 -14.82 -8.29 24.26
N GLY B 15 -14.16 -8.99 25.19
CA GLY B 15 -14.54 -8.98 26.58
C GLY B 15 -15.49 -10.08 26.97
N GLY B 16 -16.00 -10.84 26.00
CA GLY B 16 -17.02 -11.83 26.25
C GLY B 16 -16.48 -13.13 26.83
N TYR B 17 -17.40 -14.06 27.03
CA TYR B 17 -17.09 -15.32 27.67
C TYR B 17 -17.58 -16.48 26.81
N LEU B 18 -16.79 -17.54 26.77
CA LEU B 18 -17.21 -18.78 26.12
C LEU B 18 -16.76 -19.95 26.98
N ARG B 19 -17.46 -21.08 26.86
CA ARG B 19 -17.08 -22.30 27.56
C ARG B 19 -17.07 -23.44 26.57
N LEU B 20 -15.88 -23.89 26.18
CA LEU B 20 -15.75 -25.07 25.34
C LEU B 20 -15.76 -26.33 26.19
N SER B 21 -16.19 -27.43 25.57
CA SER B 21 -16.11 -28.75 26.17
C SER B 21 -15.58 -29.73 25.14
N CYS B 22 -14.95 -30.78 25.64
CA CYS B 22 -14.35 -31.83 24.81
C CYS B 22 -14.70 -33.17 25.44
N VAL B 23 -15.53 -33.95 24.73
CA VAL B 23 -16.04 -35.23 25.19
C VAL B 23 -15.19 -36.34 24.57
N ALA B 24 -14.74 -37.27 25.41
CA ALA B 24 -13.91 -38.38 25.01
C ALA B 24 -14.75 -39.65 24.90
N SER B 25 -14.33 -40.54 23.99
CA SER B 25 -15.06 -41.78 23.75
C SER B 25 -14.07 -42.91 23.50
N GLY B 26 -14.48 -44.12 23.85
CA GLY B 26 -13.74 -45.31 23.51
C GLY B 26 -12.38 -45.45 24.18
N SER B 27 -11.32 -45.52 23.37
CA SER B 27 -9.99 -45.87 23.87
C SER B 27 -9.34 -44.80 24.70
N ILE B 28 -9.93 -43.60 24.80
CA ILE B 28 -9.28 -42.51 25.52
C ILE B 28 -9.24 -42.83 27.01
N SER B 29 -8.04 -42.81 27.58
CA SER B 29 -7.86 -42.99 29.02
C SER B 29 -7.66 -41.62 29.68
N LEU B 30 -8.36 -41.40 30.79
CA LEU B 30 -8.15 -40.18 31.56
C LEU B 30 -6.71 -40.04 32.02
N SER B 31 -6.04 -41.16 32.29
CA SER B 31 -4.67 -41.09 32.78
C SER B 31 -3.75 -40.40 31.77
N SER B 32 -4.06 -40.49 30.47
CA SER B 32 -3.23 -39.85 29.46
C SER B 32 -3.32 -38.33 29.49
N GLY B 33 -4.28 -37.76 30.18
CA GLY B 33 -4.43 -36.32 30.24
C GLY B 33 -5.07 -35.75 28.99
N MET B 34 -5.11 -34.43 28.94
CA MET B 34 -5.77 -33.76 27.83
C MET B 34 -5.22 -32.35 27.66
N GLY B 35 -5.26 -31.87 26.42
CA GLY B 35 -4.83 -30.53 26.09
C GLY B 35 -5.81 -29.84 25.17
N TRP B 36 -5.97 -28.54 25.36
CA TRP B 36 -6.72 -27.67 24.47
C TRP B 36 -5.70 -26.88 23.66
N TYR B 37 -5.79 -27.01 22.33
CA TYR B 37 -4.93 -26.37 21.37
C TYR B 37 -5.74 -25.41 20.52
N ARG B 38 -5.04 -24.53 19.82
CA ARG B 38 -5.64 -23.45 19.06
C ARG B 38 -4.86 -23.28 17.77
N GLN B 39 -5.57 -23.06 16.66
CA GLN B 39 -4.90 -22.84 15.38
C GLN B 39 -5.55 -21.69 14.63
N ALA B 40 -4.76 -20.70 14.30
CA ALA B 40 -5.12 -19.56 13.47
C ALA B 40 -4.55 -19.71 12.07
N PRO B 41 -5.18 -19.08 11.09
CA PRO B 41 -4.76 -19.28 9.69
C PRO B 41 -3.30 -18.90 9.48
N GLY B 42 -2.58 -19.79 8.79
CA GLY B 42 -1.19 -19.53 8.48
C GLY B 42 -0.28 -19.40 9.67
N LYS B 43 -0.73 -19.84 10.84
CA LYS B 43 0.07 -19.81 12.06
C LYS B 43 0.18 -21.23 12.59
N GLU B 44 1.17 -21.44 13.46
CA GLU B 44 1.42 -22.77 13.98
C GLU B 44 0.47 -23.08 15.14
N ARG B 45 0.02 -24.33 15.18
CA ARG B 45 -0.76 -24.85 16.29
C ARG B 45 -0.10 -24.50 17.62
N GLU B 46 -0.91 -24.08 18.59
CA GLU B 46 -0.41 -23.61 19.87
C GLU B 46 -1.20 -24.28 20.99
N LEU B 47 -0.47 -24.81 21.98
CA LEU B 47 -1.11 -25.30 23.20
C LEU B 47 -1.70 -24.14 23.97
N VAL B 48 -2.97 -24.27 24.36
CA VAL B 48 -3.66 -23.27 25.15
C VAL B 48 -3.70 -23.67 26.62
N ALA B 49 -4.11 -24.90 26.91
CA ALA B 49 -4.20 -25.33 28.31
C ALA B 49 -4.11 -26.84 28.39
N SER B 50 -3.62 -27.34 29.53
CA SER B 50 -3.41 -28.78 29.69
C SER B 50 -3.79 -29.20 31.10
N ILE B 51 -4.36 -30.41 31.20
CA ILE B 51 -4.71 -31.06 32.45
C ILE B 51 -4.16 -32.48 32.41
N SER B 52 -3.34 -32.83 33.40
CA SER B 52 -2.71 -34.14 33.42
C SER B 52 -3.68 -35.19 33.98
N GLY B 53 -3.23 -36.44 33.99
CA GLY B 53 -4.01 -37.47 34.65
C GLY B 53 -4.20 -37.20 36.13
N GLY B 54 -3.22 -36.57 36.77
CA GLY B 54 -3.29 -36.20 38.17
C GLY B 54 -3.94 -34.86 38.42
N SER B 55 -4.48 -34.22 37.38
CA SER B 55 -5.25 -33.00 37.44
C SER B 55 -4.41 -31.75 37.65
N SER B 56 -3.12 -31.80 37.36
CA SER B 56 -2.30 -30.60 37.36
C SER B 56 -2.57 -29.80 36.10
N THR B 57 -2.69 -28.47 36.25
CA THR B 57 -3.05 -27.60 35.14
C THR B 57 -1.86 -26.75 34.70
N ASN B 58 -1.82 -26.45 33.40
CA ASN B 58 -0.83 -25.54 32.83
C ASN B 58 -1.46 -24.73 31.71
N TYR B 59 -1.01 -23.47 31.58
CA TYR B 59 -1.61 -22.56 30.62
C TYR B 59 -0.53 -21.78 29.86
N ALA B 60 -0.79 -21.58 28.57
CA ALA B 60 0.04 -20.66 27.79
C ALA B 60 0.00 -19.26 28.40
N ASP B 61 1.13 -18.57 28.31
CA ASP B 61 1.22 -17.24 28.91
C ASP B 61 0.20 -16.29 28.31
N SER B 62 -0.17 -16.50 27.04
CA SER B 62 -1.11 -15.61 26.37
C SER B 62 -2.52 -15.70 26.94
N VAL B 63 -2.84 -16.76 27.68
CA VAL B 63 -4.17 -16.91 28.26
C VAL B 63 -4.15 -16.95 29.78
N LYS B 64 -2.96 -16.90 30.40
CA LYS B 64 -2.88 -16.96 31.85
C LYS B 64 -3.74 -15.86 32.47
N GLY B 65 -4.54 -16.24 33.45
CA GLY B 65 -5.44 -15.32 34.12
C GLY B 65 -6.80 -15.14 33.45
N ARG B 66 -6.99 -15.67 32.26
CA ARG B 66 -8.25 -15.54 31.54
C ARG B 66 -8.92 -16.88 31.27
N PHE B 67 -8.14 -17.89 30.85
CA PHE B 67 -8.67 -19.21 30.53
C PHE B 67 -8.37 -20.15 31.69
N THR B 68 -9.33 -21.02 31.98
CA THR B 68 -9.11 -22.11 32.92
C THR B 68 -9.54 -23.42 32.28
N ILE B 69 -8.92 -24.51 32.72
CA ILE B 69 -9.21 -25.85 32.23
C ILE B 69 -9.66 -26.70 33.40
N SER B 70 -10.66 -27.56 33.18
CA SER B 70 -11.11 -28.46 34.23
C SER B 70 -11.59 -29.75 33.61
N ARG B 71 -11.91 -30.74 34.46
CA ARG B 71 -12.36 -32.03 33.95
C ARG B 71 -13.45 -32.62 34.83
N ASP B 72 -14.47 -33.19 34.18
CA ASP B 72 -15.38 -34.12 34.82
C ASP B 72 -14.82 -35.52 34.59
N ASN B 73 -14.27 -36.10 35.65
CA ASN B 73 -13.53 -37.35 35.57
C ASN B 73 -14.42 -38.50 35.14
N ALA B 74 -15.66 -38.53 35.64
CA ALA B 74 -16.54 -39.66 35.39
C ALA B 74 -17.03 -39.69 33.94
N LYS B 75 -17.19 -38.51 33.34
CA LYS B 75 -17.55 -38.40 31.94
C LYS B 75 -16.34 -38.24 31.02
N ASN B 76 -15.15 -38.05 31.59
CA ASN B 76 -13.95 -37.77 30.80
C ASN B 76 -14.21 -36.58 29.86
N THR B 77 -14.83 -35.55 30.41
CA THR B 77 -15.11 -34.34 29.63
C THR B 77 -14.24 -33.21 30.15
N VAL B 78 -13.50 -32.57 29.25
CA VAL B 78 -12.57 -31.51 29.62
C VAL B 78 -13.13 -30.17 29.15
N TYR B 79 -13.11 -29.18 30.03
CA TYR B 79 -13.73 -27.89 29.80
C TYR B 79 -12.66 -26.81 29.73
N LEU B 80 -12.87 -25.85 28.82
CA LEU B 80 -12.08 -24.64 28.71
C LEU B 80 -13.02 -23.45 28.96
N GLN B 81 -12.92 -22.85 30.14
CA GLN B 81 -13.61 -21.60 30.41
C GLN B 81 -12.75 -20.47 29.87
N MET B 82 -13.29 -19.64 28.97
CA MET B 82 -12.55 -18.53 28.38
C MET B 82 -13.23 -17.22 28.75
N ASN B 83 -12.63 -16.50 29.68
CA ASN B 83 -13.07 -15.18 30.08
C ASN B 83 -12.25 -14.13 29.34
N SER B 84 -12.82 -12.93 29.28
CA SER B 84 -12.11 -11.74 28.78
C SER B 84 -11.52 -12.01 27.39
N LEU B 85 -12.38 -12.46 26.49
CA LEU B 85 -11.93 -12.85 25.16
C LEU B 85 -11.48 -11.64 24.36
N LYS B 86 -10.40 -11.82 23.60
CA LYS B 86 -9.81 -10.79 22.77
C LYS B 86 -9.82 -11.22 21.31
N PRO B 87 -9.77 -10.27 20.38
CA PRO B 87 -9.75 -10.65 18.96
C PRO B 87 -8.67 -11.67 18.62
N GLU B 88 -7.50 -11.57 19.26
CA GLU B 88 -6.40 -12.47 18.98
C GLU B 88 -6.70 -13.90 19.39
N ASP B 89 -7.73 -14.11 20.22
CA ASP B 89 -8.17 -15.45 20.59
C ASP B 89 -8.97 -16.14 19.50
N THR B 90 -9.29 -15.42 18.42
CA THR B 90 -10.00 -16.02 17.28
C THR B 90 -9.16 -17.16 16.69
N ALA B 91 -9.77 -18.35 16.55
CA ALA B 91 -9.07 -19.51 16.01
C ALA B 91 -9.99 -20.73 16.09
N VAL B 92 -9.50 -21.84 15.50
CA VAL B 92 -10.17 -23.13 15.68
C VAL B 92 -9.54 -23.83 16.88
N TYR B 93 -10.36 -24.28 17.83
CA TYR B 93 -9.88 -24.88 19.06
C TYR B 93 -10.07 -26.40 18.99
N TYR B 94 -8.98 -27.13 19.25
CA TYR B 94 -8.95 -28.58 19.15
C TYR B 94 -8.66 -29.20 20.50
N CYS B 95 -9.27 -30.34 20.75
CA CYS B 95 -8.99 -31.17 21.91
C CYS B 95 -8.01 -32.27 21.50
N ALA B 96 -7.02 -32.51 22.36
CA ALA B 96 -6.01 -33.53 22.07
C ALA B 96 -5.68 -34.33 23.33
N ALA B 97 -5.24 -35.56 23.12
CA ALA B 97 -4.84 -36.42 24.23
C ALA B 97 -3.40 -36.91 24.07
N ALA B 106 -0.96 -39.17 19.12
CA ALA B 106 -2.02 -38.58 19.93
C ALA B 106 -3.35 -38.61 19.18
N TYR B 107 -4.42 -38.19 19.86
CA TYR B 107 -5.76 -38.19 19.30
C TYR B 107 -6.24 -36.76 19.14
N TRP B 108 -6.65 -36.39 17.94
CA TRP B 108 -7.11 -35.04 17.62
C TRP B 108 -8.62 -35.04 17.40
N GLY B 109 -9.18 -33.83 17.18
CA GLY B 109 -10.60 -33.67 17.00
C GLY B 109 -10.90 -32.79 15.80
N GLN B 110 -12.20 -32.68 15.50
CA GLN B 110 -12.65 -31.85 14.38
C GLN B 110 -12.47 -30.36 14.67
N GLY B 111 -12.50 -29.97 15.94
CA GLY B 111 -12.33 -28.60 16.33
C GLY B 111 -13.65 -27.84 16.42
N THR B 112 -13.59 -26.69 17.09
CA THR B 112 -14.75 -25.81 17.20
C THR B 112 -14.27 -24.39 17.01
N GLN B 113 -14.98 -23.62 16.19
CA GLN B 113 -14.52 -22.30 15.81
C GLN B 113 -14.87 -21.29 16.91
N VAL B 114 -13.90 -20.42 17.20
CA VAL B 114 -14.06 -19.32 18.13
C VAL B 114 -13.72 -18.03 17.38
N THR B 115 -14.65 -17.08 17.41
CA THR B 115 -14.45 -15.77 16.79
C THR B 115 -14.72 -14.68 17.82
N VAL B 116 -13.80 -13.75 17.96
CA VAL B 116 -13.95 -12.62 18.86
C VAL B 116 -13.96 -11.36 18.00
N SER B 117 -15.12 -10.70 17.96
CA SER B 117 -15.30 -9.48 17.19
C SER B 117 -14.87 -8.27 18.01
N SER B 118 -14.75 -7.13 17.34
CA SER B 118 -14.23 -5.91 17.95
C SER B 118 -14.97 -4.69 17.42
N LEU B 119 -16.29 -4.80 17.35
CA LEU B 119 -17.12 -3.71 16.85
C LEU B 119 -17.56 -2.80 17.98
N GLU B 120 -17.97 -1.59 17.60
CA GLU B 120 -18.40 -0.56 18.55
C GLU B 120 -19.88 -0.27 18.34
N HIS B 121 -20.60 -0.06 19.45
CA HIS B 121 -22.04 0.20 19.41
C HIS B 121 -22.38 1.49 20.15
N HIS B 122 -23.51 2.10 19.75
CA HIS B 122 -23.96 3.32 20.43
C HIS B 122 -24.73 3.01 21.71
N HIS B 123 -25.32 1.82 21.83
CA HIS B 123 -26.12 1.43 22.99
C HIS B 123 -27.18 2.44 23.41
N ASP C 1 -14.35 20.47 5.68
CA ASP C 1 -14.46 18.98 5.59
C ASP C 1 -13.43 18.25 6.45
N VAL C 2 -13.52 16.92 6.49
CA VAL C 2 -12.60 16.12 7.29
C VAL C 2 -11.22 16.11 6.65
N GLN C 3 -10.18 16.26 7.47
CA GLN C 3 -8.80 16.34 7.00
C GLN C 3 -7.88 15.65 8.00
N LEU C 4 -7.07 14.73 7.50
CA LEU C 4 -6.05 14.04 8.30
C LEU C 4 -4.70 14.23 7.62
N VAL C 5 -3.68 14.60 8.40
CA VAL C 5 -2.37 14.92 7.81
C VAL C 5 -1.26 14.30 8.66
N GLU C 6 -0.58 13.29 8.10
CA GLU C 6 0.51 12.61 8.77
C GLU C 6 1.83 13.35 8.56
N SER C 7 2.71 13.24 9.56
CA SER C 7 4.02 13.86 9.51
C SER C 7 4.96 13.06 10.41
N GLY C 8 6.26 13.34 10.26
CA GLY C 8 7.27 12.72 11.09
C GLY C 8 8.06 11.61 10.45
N GLY C 9 7.74 11.23 9.23
CA GLY C 9 8.50 10.19 8.56
C GLY C 9 9.92 10.61 8.25
N GLY C 10 10.69 9.66 7.76
CA GLY C 10 12.08 9.93 7.40
C GLY C 10 12.87 8.63 7.36
N LEU C 11 14.20 8.81 7.43
CA LEU C 11 15.16 7.72 7.39
C LEU C 11 15.61 7.38 8.80
N VAL C 12 15.56 6.10 9.15
CA VAL C 12 15.93 5.63 10.48
C VAL C 12 16.85 4.43 10.35
N GLN C 13 17.88 4.38 11.18
CA GLN C 13 18.74 3.21 11.12
C GLN C 13 18.09 2.03 11.83
N PRO C 14 18.38 0.80 11.41
CA PRO C 14 17.81 -0.37 12.08
C PRO C 14 18.11 -0.34 13.58
N GLY C 15 17.11 -0.70 14.37
CA GLY C 15 17.19 -0.60 15.81
C GLY C 15 16.72 0.73 16.37
N GLY C 16 16.55 1.74 15.53
CA GLY C 16 16.22 3.07 15.97
C GLY C 16 14.74 3.27 16.25
N SER C 17 14.42 4.51 16.62
CA SER C 17 13.07 4.88 17.01
C SER C 17 12.62 6.09 16.22
N ARG C 18 11.31 6.23 16.07
CA ARG C 18 10.77 7.42 15.42
C ARG C 18 9.30 7.58 15.82
N LYS C 19 8.88 8.83 15.99
CA LYS C 19 7.51 9.15 16.37
C LYS C 19 6.82 9.84 15.20
N LEU C 20 5.68 9.30 14.77
CA LEU C 20 4.86 9.90 13.76
C LEU C 20 3.65 10.60 14.39
N SER C 21 3.19 11.64 13.70
CA SER C 21 2.06 12.46 14.15
C SER C 21 1.00 12.47 13.06
N CYS C 22 -0.25 12.67 13.47
CA CYS C 22 -1.36 12.76 12.53
C CYS C 22 -2.30 13.82 13.05
N ALA C 23 -2.36 14.96 12.34
CA ALA C 23 -3.14 16.11 12.74
C ALA C 23 -4.52 16.03 12.09
N ALA C 24 -5.56 16.12 12.91
CA ALA C 24 -6.94 15.98 12.48
C ALA C 24 -7.65 17.33 12.54
N SER C 25 -8.49 17.58 11.54
CA SER C 25 -9.31 18.79 11.54
C SER C 25 -10.61 18.51 10.78
N GLY C 26 -11.60 19.34 11.04
CA GLY C 26 -12.87 19.24 10.35
C GLY C 26 -13.87 18.31 10.97
N PHE C 27 -13.63 17.85 12.20
CA PHE C 27 -14.56 16.99 12.92
C PHE C 27 -14.17 17.03 14.39
N THR C 28 -15.01 16.42 15.23
CA THR C 28 -14.78 16.40 16.67
C THR C 28 -13.90 15.19 16.97
N PHE C 29 -12.59 15.40 16.87
CA PHE C 29 -11.60 14.35 17.04
C PHE C 29 -11.89 13.45 18.22
N SER C 30 -12.17 14.05 19.38
CA SER C 30 -12.29 13.29 20.62
C SER C 30 -13.43 12.29 20.61
N ASN C 31 -14.31 12.32 19.61
CA ASN C 31 -15.40 11.37 19.56
C ASN C 31 -15.10 10.12 18.74
N PHE C 32 -13.99 10.09 18.00
CA PHE C 32 -13.73 9.03 17.04
C PHE C 32 -12.51 8.21 17.41
N GLY C 33 -12.64 6.89 17.27
CA GLY C 33 -11.47 6.04 17.25
C GLY C 33 -10.62 6.32 16.02
N MET C 34 -9.34 5.94 16.10
CA MET C 34 -8.43 6.19 15.00
C MET C 34 -7.47 5.01 14.80
N HIS C 35 -6.98 4.90 13.56
CA HIS C 35 -6.14 3.80 13.11
C HIS C 35 -4.85 4.33 12.50
N TRP C 36 -3.79 3.56 12.64
CA TRP C 36 -2.62 3.63 11.77
C TRP C 36 -2.61 2.38 10.90
N VAL C 37 -2.38 2.57 9.60
CA VAL C 37 -2.28 1.53 8.58
C VAL C 37 -1.03 1.84 7.75
N ARG C 38 -0.31 0.82 7.30
CA ARG C 38 0.90 1.06 6.52
C ARG C 38 0.87 0.27 5.23
N GLN C 39 1.66 0.73 4.27
CA GLN C 39 1.64 0.15 2.94
C GLN C 39 3.06 0.14 2.37
N ALA C 40 3.50 -1.04 1.96
CA ALA C 40 4.74 -1.20 1.21
C ALA C 40 4.44 -2.07 0.00
N PRO C 41 5.15 -1.85 -1.10
CA PRO C 41 4.82 -2.60 -2.33
C PRO C 41 4.74 -4.11 -2.14
N GLU C 42 5.60 -4.69 -1.31
CA GLU C 42 5.58 -6.12 -1.05
C GLU C 42 4.63 -6.50 0.07
N MET C 43 4.07 -5.51 0.77
CA MET C 43 3.28 -5.69 1.97
C MET C 43 1.79 -5.56 1.74
N GLY C 44 1.39 -4.92 0.64
CA GLY C 44 0.02 -4.52 0.52
C GLY C 44 -0.33 -3.56 1.64
N LEU C 45 -1.63 -3.44 1.88
CA LEU C 45 -2.13 -2.63 2.99
C LEU C 45 -2.10 -3.47 4.27
N GLU C 46 -1.60 -2.90 5.36
CA GLU C 46 -1.50 -3.66 6.60
C GLU C 46 -1.84 -2.78 7.79
N TRP C 47 -2.90 -3.15 8.48
CA TRP C 47 -3.32 -2.41 9.67
C TRP C 47 -2.25 -2.53 10.75
N VAL C 48 -1.99 -1.41 11.42
CA VAL C 48 -0.91 -1.31 12.39
C VAL C 48 -1.44 -1.18 13.81
N ALA C 49 -2.36 -0.24 14.04
CA ALA C 49 -2.83 -0.05 15.41
C ALA C 49 -4.11 0.75 15.48
N TYR C 50 -4.88 0.50 16.54
CA TYR C 50 -6.13 1.19 16.78
C TYR C 50 -6.17 1.76 18.19
N ILE C 51 -6.73 2.97 18.33
CA ILE C 51 -6.97 3.58 19.63
C ILE C 51 -8.38 4.17 19.65
N SER C 52 -9.16 3.79 20.66
CA SER C 52 -10.52 4.29 20.77
C SER C 52 -10.53 5.76 21.19
N SER C 53 -11.70 6.38 21.08
CA SER C 53 -11.82 7.82 21.29
C SER C 53 -11.23 8.25 22.63
N GLY C 54 -11.52 7.50 23.69
CA GLY C 54 -11.03 7.79 25.01
C GLY C 54 -9.79 7.02 25.41
N SER C 55 -9.11 6.39 24.46
CA SER C 55 -7.90 5.61 24.64
C SER C 55 -8.08 4.42 25.57
N THR C 56 -9.33 4.05 25.89
CA THR C 56 -9.53 2.90 26.76
C THR C 56 -9.28 1.59 26.03
N THR C 57 -9.56 1.53 24.74
CA THR C 57 -9.29 0.33 23.94
C THR C 57 -8.18 0.58 22.93
N ILE C 58 -7.14 -0.25 22.98
CA ILE C 58 -6.00 -0.16 22.07
C ILE C 58 -5.70 -1.55 21.54
N TYR C 59 -5.51 -1.66 20.23
CA TYR C 59 -5.13 -2.91 19.58
C TYR C 59 -3.91 -2.66 18.68
N TYR C 60 -3.12 -3.72 18.47
CA TYR C 60 -1.91 -3.68 17.65
C TYR C 60 -1.85 -4.85 16.68
N GLY C 61 -1.29 -4.62 15.48
CA GLY C 61 -1.00 -5.72 14.60
C GLY C 61 0.05 -6.65 15.19
N ASP C 62 0.01 -7.92 14.74
CA ASP C 62 0.87 -8.93 15.36
C ASP C 62 2.35 -8.60 15.23
N THR C 63 2.78 -8.10 14.06
CA THR C 63 4.21 -7.91 13.81
C THR C 63 4.76 -6.61 14.40
N VAL C 64 3.91 -5.77 14.98
CA VAL C 64 4.35 -4.54 15.65
C VAL C 64 4.11 -4.57 17.14
N LYS C 65 3.33 -5.52 17.65
CA LYS C 65 3.08 -5.62 19.08
C LYS C 65 4.39 -5.69 19.84
N GLY C 66 4.50 -4.84 20.86
CA GLY C 66 5.67 -4.81 21.71
C GLY C 66 6.70 -3.76 21.35
N ARG C 67 6.67 -3.27 20.11
CA ARG C 67 7.59 -2.25 19.64
C ARG C 67 6.92 -0.90 19.39
N PHE C 68 5.66 -0.91 18.96
CA PHE C 68 4.95 0.30 18.58
C PHE C 68 3.92 0.64 19.65
N THR C 69 3.75 1.94 19.92
CA THR C 69 2.78 2.43 20.89
C THR C 69 1.94 3.52 20.25
N ILE C 70 0.62 3.32 20.25
CA ILE C 70 -0.33 4.30 19.72
C ILE C 70 -0.85 5.15 20.86
N SER C 71 -0.98 6.45 20.63
CA SER C 71 -1.51 7.35 21.65
C SER C 71 -2.21 8.52 20.97
N ARG C 72 -2.86 9.36 21.78
CA ARG C 72 -3.51 10.53 21.23
C ARG C 72 -3.59 11.65 22.26
N ASP C 73 -3.60 12.87 21.75
CA ASP C 73 -3.78 14.11 22.51
C ASP C 73 -5.06 14.74 21.96
N ASN C 74 -6.18 14.54 22.68
CA ASN C 74 -7.46 15.01 22.16
C ASN C 74 -7.52 16.54 22.13
N PRO C 75 -7.11 17.24 23.19
CA PRO C 75 -7.11 18.72 23.11
C PRO C 75 -6.36 19.28 21.90
N LYS C 76 -5.24 18.67 21.53
CA LYS C 76 -4.43 19.15 20.41
C LYS C 76 -4.75 18.43 19.11
N ASN C 77 -5.85 17.70 19.07
CA ASN C 77 -6.35 17.06 17.85
C ASN C 77 -5.25 16.30 17.13
N THR C 78 -4.47 15.52 17.90
CA THR C 78 -3.35 14.80 17.29
C THR C 78 -3.32 13.35 17.73
N LEU C 79 -3.02 12.48 16.77
CA LEU C 79 -2.74 11.05 16.98
C LEU C 79 -1.25 10.81 16.82
N PHE C 80 -0.71 9.86 17.59
CA PHE C 80 0.71 9.56 17.55
C PHE C 80 0.96 8.06 17.41
N LEU C 81 2.06 7.74 16.73
CA LEU C 81 2.59 6.38 16.69
C LEU C 81 4.08 6.44 17.05
N GLN C 82 4.43 5.92 18.22
CA GLN C 82 5.83 5.79 18.59
C GLN C 82 6.32 4.43 18.12
N MET C 83 7.38 4.43 17.31
CA MET C 83 7.99 3.23 16.76
C MET C 83 9.34 3.05 17.45
N THR C 84 9.63 1.82 17.86
CA THR C 84 10.92 1.47 18.44
C THR C 84 11.43 0.22 17.77
N SER C 85 12.72 -0.04 17.96
CA SER C 85 13.38 -1.24 17.44
C SER C 85 13.02 -1.47 15.98
N LEU C 86 13.18 -0.42 15.17
CA LEU C 86 12.76 -0.48 13.78
C LEU C 86 13.60 -1.47 12.99
N ARG C 87 12.95 -2.12 12.03
CA ARG C 87 13.56 -3.15 11.21
C ARG C 87 13.36 -2.79 9.74
N SER C 88 14.17 -3.41 8.87
CA SER C 88 14.02 -3.16 7.44
C SER C 88 12.57 -3.31 7.00
N GLU C 89 11.87 -4.30 7.56
CA GLU C 89 10.51 -4.64 7.19
C GLU C 89 9.49 -3.59 7.57
N ASP C 90 9.86 -2.64 8.44
CA ASP C 90 8.99 -1.52 8.79
C ASP C 90 9.02 -0.42 7.75
N THR C 91 9.82 -0.55 6.69
CA THR C 91 9.83 0.45 5.62
C THR C 91 8.48 0.47 4.92
N ALA C 92 7.84 1.65 4.91
CA ALA C 92 6.49 1.75 4.36
C ALA C 92 5.98 3.18 4.45
N MET C 93 4.89 3.43 3.71
CA MET C 93 4.10 4.64 3.87
C MET C 93 3.13 4.41 5.02
N TYR C 94 3.08 5.33 5.98
CA TYR C 94 2.20 5.22 7.13
C TYR C 94 1.04 6.20 7.03
N TYR C 95 -0.18 5.67 7.12
CA TYR C 95 -1.41 6.42 7.03
C TYR C 95 -2.13 6.40 8.37
N CYS C 96 -2.75 7.51 8.74
CA CYS C 96 -3.78 7.48 9.76
C CYS C 96 -5.15 7.52 9.09
N ALA C 97 -6.13 6.93 9.75
CA ALA C 97 -7.47 6.80 9.21
C ALA C 97 -8.47 6.87 10.34
N ARG C 98 -9.64 7.42 10.05
CA ARG C 98 -10.67 7.64 11.06
C ARG C 98 -11.59 6.42 11.09
N ARG C 99 -11.95 5.98 12.28
CA ARG C 99 -12.98 4.96 12.43
C ARG C 99 -14.32 5.64 12.64
N PRO C 100 -15.27 5.51 11.71
CA PRO C 100 -16.60 6.07 11.95
C PRO C 100 -17.23 5.53 13.22
N LEU C 101 -18.20 6.28 13.73
CA LEU C 101 -18.86 5.89 14.96
C LEU C 101 -19.73 4.64 14.75
N TYR C 102 -19.71 3.76 15.75
CA TYR C 102 -20.68 2.69 15.91
C TYR C 102 -20.80 1.79 14.68
N ASP C 103 -19.68 1.17 14.30
CA ASP C 103 -19.72 0.31 13.13
C ASP C 103 -20.50 -0.98 13.38
N GLY C 104 -20.68 -1.37 14.64
CA GLY C 104 -21.57 -2.47 14.95
C GLY C 104 -23.03 -2.18 14.66
N ASP C 105 -23.40 -0.90 14.58
CA ASP C 105 -24.76 -0.48 14.28
C ASP C 105 -24.94 -0.07 12.83
N TYR C 106 -23.96 0.63 12.25
CA TYR C 106 -24.12 1.19 10.91
C TYR C 106 -23.11 0.69 9.90
N GLY C 107 -22.01 0.06 10.33
CA GLY C 107 -21.16 -0.67 9.43
C GLY C 107 -20.19 0.15 8.58
N TYR C 108 -19.97 1.41 8.90
CA TYR C 108 -19.01 2.21 8.13
C TYR C 108 -17.58 1.84 8.53
N PRO C 109 -16.72 1.46 7.56
CA PRO C 109 -15.30 1.18 7.88
C PRO C 109 -14.39 2.41 7.86
N MET C 110 -13.09 2.24 8.15
CA MET C 110 -12.19 3.40 8.23
C MET C 110 -12.26 4.17 6.91
N ASP C 111 -12.55 5.48 7.00
CA ASP C 111 -13.11 6.15 5.83
C ASP C 111 -12.31 7.34 5.33
N TYR C 112 -11.62 8.07 6.20
CA TYR C 112 -10.83 9.21 5.79
C TYR C 112 -9.38 8.84 6.06
N TRP C 113 -8.59 8.78 5.01
CA TRP C 113 -7.17 8.45 5.10
C TRP C 113 -6.38 9.70 4.75
N GLY C 114 -5.26 9.91 5.44
CA GLY C 114 -4.36 10.98 5.08
C GLY C 114 -3.54 10.63 3.85
N GLN C 115 -2.66 11.54 3.46
CA GLN C 115 -1.80 11.30 2.31
C GLN C 115 -0.63 10.39 2.65
N GLY C 116 -0.30 10.26 3.93
CA GLY C 116 0.73 9.34 4.37
C GLY C 116 2.05 10.04 4.62
N THR C 117 2.87 9.42 5.47
CA THR C 117 4.24 9.88 5.71
C THR C 117 5.16 8.67 5.59
N SER C 118 6.28 8.84 4.90
CA SER C 118 7.09 7.71 4.48
C SER C 118 8.19 7.45 5.49
N VAL C 119 8.43 6.16 5.80
CA VAL C 119 9.51 5.75 6.68
C VAL C 119 10.36 4.73 5.95
N THR C 120 11.68 4.97 5.92
CA THR C 120 12.64 4.01 5.40
C THR C 120 13.63 3.64 6.50
N VAL C 121 13.84 2.33 6.67
CA VAL C 121 14.77 1.82 7.68
C VAL C 121 15.97 1.26 6.94
N SER C 122 17.12 1.94 7.04
CA SER C 122 18.35 1.38 6.52
C SER C 122 19.53 2.11 7.15
N SER C 123 20.71 1.52 7.02
CA SER C 123 21.90 2.12 7.60
C SER C 123 22.62 3.08 6.67
N ALA C 124 22.19 3.16 5.41
CA ALA C 124 22.77 4.13 4.49
C ALA C 124 22.43 5.55 4.92
N SER C 125 23.25 6.51 4.48
CA SER C 125 23.07 7.89 4.90
C SER C 125 22.18 8.65 3.92
N THR C 126 21.48 9.65 4.43
CA THR C 126 20.62 10.43 3.54
C THR C 126 21.48 11.28 2.61
N LYS C 127 20.96 11.53 1.42
CA LYS C 127 21.64 12.43 0.50
C LYS C 127 20.57 13.14 -0.33
N GLY C 128 20.66 14.46 -0.37
CA GLY C 128 19.70 15.27 -1.10
C GLY C 128 20.00 15.31 -2.58
N PRO C 129 18.97 15.53 -3.40
CA PRO C 129 19.16 15.49 -4.84
C PRO C 129 19.83 16.74 -5.41
N SER C 130 20.48 16.57 -6.55
CA SER C 130 20.80 17.69 -7.44
C SER C 130 19.71 17.80 -8.49
N VAL C 131 19.32 19.02 -8.80
CA VAL C 131 18.22 19.27 -9.73
C VAL C 131 18.75 20.02 -10.94
N PHE C 132 18.52 19.48 -12.13
CA PHE C 132 19.04 20.04 -13.36
C PHE C 132 17.90 20.26 -14.34
N PRO C 133 17.95 21.33 -15.14
CA PRO C 133 16.89 21.54 -16.14
C PRO C 133 17.02 20.61 -17.33
N LEU C 134 15.87 20.23 -17.88
CA LEU C 134 15.72 19.56 -19.17
C LEU C 134 15.08 20.63 -20.04
N ALA C 135 15.90 21.44 -20.69
CA ALA C 135 15.45 22.65 -21.36
C ALA C 135 14.76 22.31 -22.68
N PRO C 136 13.67 23.01 -23.02
CA PRO C 136 13.05 22.80 -24.33
C PRO C 136 13.96 23.31 -25.44
N SER C 137 13.90 22.65 -26.59
CA SER C 137 14.81 22.95 -27.69
C SER C 137 14.23 22.40 -28.98
N SER C 138 14.89 22.70 -30.09
CA SER C 138 14.46 22.17 -31.38
C SER C 138 14.47 20.65 -31.40
N LYS C 139 15.19 20.02 -30.48
CA LYS C 139 15.23 18.56 -30.37
C LYS C 139 14.17 18.01 -29.45
N SER C 140 13.41 18.88 -28.78
CA SER C 140 12.33 18.49 -27.90
C SER C 140 11.06 19.24 -28.28
N THR C 141 10.81 19.32 -29.59
CA THR C 141 9.61 19.92 -30.15
C THR C 141 9.06 19.01 -31.23
N SER C 142 7.73 18.93 -31.33
CA SER C 142 7.04 18.15 -32.34
C SER C 142 5.70 18.79 -32.63
N GLY C 143 5.50 19.25 -33.86
CA GLY C 143 4.23 19.77 -34.31
C GLY C 143 3.58 20.81 -33.40
N GLY C 144 4.35 21.81 -32.98
CA GLY C 144 3.83 22.84 -32.10
C GLY C 144 3.82 22.49 -30.63
N THR C 145 4.28 21.30 -30.26
CA THR C 145 4.37 20.88 -28.88
C THR C 145 5.84 20.91 -28.46
N ALA C 146 6.12 21.44 -27.26
CA ALA C 146 7.45 21.44 -26.70
C ALA C 146 7.47 20.64 -25.41
N ALA C 147 8.52 19.87 -25.20
CA ALA C 147 8.70 19.13 -23.96
C ALA C 147 9.86 19.72 -23.15
N LEU C 148 9.67 19.77 -21.84
CA LEU C 148 10.68 20.29 -20.93
C LEU C 148 10.57 19.53 -19.61
N GLY C 149 11.52 19.73 -18.72
CA GLY C 149 11.42 19.02 -17.46
C GLY C 149 12.56 19.33 -16.52
N CYS C 150 12.66 18.49 -15.49
CA CYS C 150 13.71 18.55 -14.49
C CYS C 150 14.23 17.14 -14.22
N LEU C 151 15.55 17.03 -14.14
CA LEU C 151 16.25 15.81 -13.76
C LEU C 151 16.64 15.93 -12.29
N VAL C 152 16.23 14.97 -11.47
CA VAL C 152 16.42 14.97 -10.03
C VAL C 152 17.30 13.77 -9.70
N LYS C 153 18.60 14.01 -9.52
CA LYS C 153 19.60 12.95 -9.52
C LYS C 153 20.29 12.80 -8.16
N ASP C 154 20.61 11.54 -7.81
CA ASP C 154 21.51 11.21 -6.73
C ASP C 154 20.95 11.59 -5.36
N TYR C 155 19.88 10.93 -4.94
CA TYR C 155 19.29 11.16 -3.64
C TYR C 155 18.99 9.84 -2.94
N PHE C 156 18.89 9.92 -1.61
CA PHE C 156 18.53 8.77 -0.78
C PHE C 156 17.94 9.25 0.52
N PRO C 157 16.86 8.64 1.04
CA PRO C 157 16.05 7.57 0.45
C PRO C 157 14.94 8.15 -0.41
N GLU C 158 14.11 7.28 -0.98
CA GLU C 158 12.84 7.74 -1.52
C GLU C 158 11.96 8.20 -0.35
N PRO C 159 10.96 9.06 -0.61
CA PRO C 159 10.62 9.70 -1.87
C PRO C 159 11.11 11.11 -2.03
N VAL C 160 11.06 11.59 -3.27
CA VAL C 160 11.16 13.00 -3.60
C VAL C 160 9.78 13.42 -4.09
N THR C 161 9.35 14.62 -3.72
CA THR C 161 8.12 15.18 -4.26
C THR C 161 8.47 16.25 -5.29
N VAL C 162 7.83 16.19 -6.45
CA VAL C 162 8.03 17.17 -7.52
C VAL C 162 6.68 17.81 -7.83
N SER C 163 6.65 19.14 -7.81
CA SER C 163 5.53 19.91 -8.32
C SER C 163 6.06 20.87 -9.38
N TRP C 164 5.15 21.53 -10.07
CA TRP C 164 5.48 22.55 -11.05
C TRP C 164 4.71 23.82 -10.71
N ASN C 165 5.40 24.96 -10.75
CA ASN C 165 4.79 26.26 -10.47
C ASN C 165 4.00 26.21 -9.16
N SER C 166 4.64 25.61 -8.15
CA SER C 166 4.12 25.53 -6.79
C SER C 166 2.76 24.85 -6.73
N GLY C 167 2.54 23.90 -7.65
CA GLY C 167 1.30 23.16 -7.71
C GLY C 167 0.27 23.71 -8.67
N ALA C 168 0.53 24.87 -9.29
CA ALA C 168 -0.45 25.43 -10.20
C ALA C 168 -0.44 24.76 -11.57
N LEU C 169 0.65 24.07 -11.93
CA LEU C 169 0.76 23.38 -13.21
C LEU C 169 0.78 21.88 -12.97
N THR C 170 -0.24 21.19 -13.49
CA THR C 170 -0.32 19.74 -13.34
C THR C 170 -0.61 19.04 -14.66
N SER C 171 -1.28 19.73 -15.59
CA SER C 171 -1.68 19.10 -16.83
C SER C 171 -0.45 18.70 -17.66
N GLY C 172 -0.45 17.47 -18.18
CA GLY C 172 0.61 16.99 -19.03
C GLY C 172 1.90 16.65 -18.33
N VAL C 173 1.93 16.73 -17.02
CA VAL C 173 3.12 16.39 -16.24
C VAL C 173 3.22 14.87 -16.14
N HIS C 174 4.44 14.37 -16.29
CA HIS C 174 4.78 12.97 -16.08
C HIS C 174 6.01 12.95 -15.19
N THR C 175 5.83 12.60 -13.91
CA THR C 175 6.96 12.43 -12.99
C THR C 175 7.26 10.94 -12.91
N PHE C 176 8.40 10.53 -13.46
CA PHE C 176 8.66 9.12 -13.64
C PHE C 176 8.96 8.44 -12.31
N PRO C 177 8.59 7.16 -12.18
CA PRO C 177 9.13 6.36 -11.07
C PRO C 177 10.65 6.42 -11.06
N ALA C 178 11.20 6.52 -9.86
CA ALA C 178 12.65 6.58 -9.72
C ALA C 178 13.30 5.29 -10.20
N VAL C 179 14.54 5.42 -10.66
CA VAL C 179 15.42 4.29 -10.92
C VAL C 179 16.44 4.21 -9.80
N LEU C 180 16.93 3.00 -9.55
CA LEU C 180 18.03 2.78 -8.62
C LEU C 180 19.33 2.72 -9.41
N GLN C 181 20.24 3.64 -9.14
CA GLN C 181 21.54 3.66 -9.79
C GLN C 181 22.48 2.66 -9.13
N SER C 182 23.50 2.23 -9.88
CA SER C 182 24.45 1.25 -9.34
C SER C 182 25.11 1.78 -8.08
N SER C 183 25.13 3.09 -7.89
CA SER C 183 25.68 3.70 -6.69
C SER C 183 24.82 3.48 -5.45
N GLY C 184 23.60 2.98 -5.61
CA GLY C 184 22.65 2.92 -4.51
C GLY C 184 21.84 4.17 -4.32
N LEU C 185 22.05 5.19 -5.15
CA LEU C 185 21.28 6.43 -5.10
C LEU C 185 20.19 6.39 -6.15
N TYR C 186 19.09 7.07 -5.86
CA TYR C 186 17.97 7.14 -6.78
C TYR C 186 18.10 8.33 -7.71
N SER C 187 17.36 8.28 -8.82
CA SER C 187 17.27 9.41 -9.74
C SER C 187 15.95 9.29 -10.47
N LEU C 188 15.32 10.44 -10.76
CA LEU C 188 14.12 10.47 -11.59
C LEU C 188 14.12 11.72 -12.45
N SER C 189 13.18 11.76 -13.39
CA SER C 189 12.88 12.96 -14.16
C SER C 189 11.40 13.26 -14.07
N SER C 190 11.07 14.55 -14.13
CA SER C 190 9.70 15.03 -14.29
C SER C 190 9.63 15.87 -15.56
N VAL C 191 8.74 15.51 -16.47
CA VAL C 191 8.61 16.24 -17.73
C VAL C 191 7.19 16.78 -17.89
N VAL C 192 7.04 17.72 -18.82
CA VAL C 192 5.72 18.20 -19.23
C VAL C 192 5.81 18.66 -20.69
N THR C 193 4.67 18.57 -21.38
CA THR C 193 4.52 19.10 -22.72
C THR C 193 3.64 20.34 -22.67
N VAL C 194 4.04 21.37 -23.43
CA VAL C 194 3.39 22.67 -23.45
C VAL C 194 3.37 23.19 -24.87
N PRO C 195 2.68 24.31 -25.17
CA PRO C 195 2.78 24.88 -26.51
C PRO C 195 4.18 25.41 -26.76
N SER C 196 4.73 25.11 -27.94
CA SER C 196 6.01 25.75 -28.26
C SER C 196 5.84 27.26 -28.37
N SER C 197 4.64 27.72 -28.74
CA SER C 197 4.36 29.15 -28.76
C SER C 197 4.36 29.79 -27.38
N SER C 198 4.32 28.99 -26.31
CA SER C 198 4.27 29.51 -24.96
C SER C 198 5.65 29.84 -24.39
N LEU C 199 6.72 29.36 -25.03
CA LEU C 199 8.03 29.33 -24.39
C LEU C 199 8.56 30.72 -24.08
N GLY C 200 8.17 31.72 -24.87
CA GLY C 200 8.70 33.06 -24.67
C GLY C 200 8.00 33.86 -23.59
N THR C 201 6.79 33.45 -23.19
CA THR C 201 6.02 34.23 -22.24
C THR C 201 5.70 33.50 -20.94
N GLN C 202 5.68 32.18 -20.93
CA GLN C 202 5.32 31.44 -19.73
C GLN C 202 6.56 31.08 -18.93
N THR C 203 6.35 30.82 -17.64
CA THR C 203 7.41 30.49 -16.72
C THR C 203 7.12 29.11 -16.16
N TYR C 204 8.11 28.24 -16.23
CA TYR C 204 7.98 26.84 -15.84
C TYR C 204 9.07 26.52 -14.83
N ILE C 205 8.66 26.30 -13.59
CA ILE C 205 9.56 26.09 -12.46
C ILE C 205 9.21 24.75 -11.83
N CYS C 206 10.20 23.90 -11.64
CA CYS C 206 10.00 22.67 -10.90
C CYS C 206 10.41 22.87 -9.44
N ASN C 207 9.55 22.41 -8.53
CA ASN C 207 9.73 22.49 -7.09
C ASN C 207 10.01 21.07 -6.60
N VAL C 208 11.20 20.85 -6.06
CA VAL C 208 11.65 19.54 -5.61
C VAL C 208 11.84 19.59 -4.10
N ASN C 209 11.19 18.67 -3.39
CA ASN C 209 11.28 18.58 -1.94
C ASN C 209 11.71 17.17 -1.56
N HIS C 210 12.81 17.07 -0.81
CA HIS C 210 13.33 15.81 -0.26
C HIS C 210 13.41 16.01 1.24
N LYS C 211 12.36 15.57 1.95
CA LYS C 211 12.27 15.83 3.38
C LYS C 211 13.42 15.22 4.18
N PRO C 212 13.86 13.98 3.92
CA PRO C 212 14.92 13.39 4.77
C PRO C 212 16.21 14.19 4.81
N SER C 213 16.50 14.93 3.74
CA SER C 213 17.68 15.78 3.67
C SER C 213 17.34 17.26 3.82
N ASN C 214 16.09 17.58 4.15
CA ASN C 214 15.63 18.96 4.23
C ASN C 214 16.09 19.74 3.01
N THR C 215 15.92 19.13 1.84
CA THR C 215 16.27 19.76 0.57
C THR C 215 14.99 20.31 -0.07
N LYS C 216 14.97 21.61 -0.32
CA LYS C 216 13.92 22.26 -1.09
C LYS C 216 14.59 23.07 -2.18
N VAL C 217 14.25 22.81 -3.44
CA VAL C 217 14.92 23.43 -4.58
C VAL C 217 13.89 23.82 -5.62
N ASP C 218 13.97 25.05 -6.12
CA ASP C 218 13.17 25.51 -7.24
C ASP C 218 14.10 25.77 -8.42
N LYS C 219 13.79 25.17 -9.56
CA LYS C 219 14.61 25.30 -10.76
C LYS C 219 13.73 25.85 -11.89
N LYS C 220 14.04 27.05 -12.32
CA LYS C 220 13.41 27.62 -13.51
C LYS C 220 14.02 26.95 -14.74
N VAL C 221 13.17 26.45 -15.62
CA VAL C 221 13.59 25.72 -16.81
C VAL C 221 13.45 26.69 -17.97
N GLU C 222 14.57 27.15 -18.51
CA GLU C 222 14.55 28.16 -19.55
C GLU C 222 14.90 27.56 -20.90
N PRO C 223 14.28 28.06 -21.99
CA PRO C 223 14.60 27.57 -23.34
C PRO C 223 16.09 27.65 -23.62
#